data_6KUD
#
_entry.id   6KUD
#
_cell.length_a   122.190
_cell.length_b   69.910
_cell.length_c   73.260
_cell.angle_alpha   90.000
_cell.angle_beta   125.710
_cell.angle_gamma   90.000
#
_symmetry.space_group_name_H-M   'C 1 2 1'
#
loop_
_entity.id
_entity.type
_entity.pdbx_description
1 polymer 'HAP protein'
2 non-polymer GLYCEROL
3 water water
#
_entity_poly.entity_id   1
_entity_poly.type   'polypeptide(L)'
_entity_poly.pdbx_seq_one_letter_code
;AISDPKYSTVGFNIENSYDRLMKTIKEHKLKNYIKESVKLFNKGLTKKSYLGSEFDNVELKDLANVLSFGEAKLGDNGQK
FNFLFHTASSNVWVPSIKCTSESCESKNHYDSSKSKTYEKDDTPVKLTSKAGTISGIFSKDLVTIGKLSVPYKFIEMTEI
VGFEPFYSESDVDGVFGLGWKDLSIGSIDPYIVELKTQNKIEQAVYSIYLPPENKNKGYLTIGGIEERFFDGPLNYEKLN
HDLMWQVDLDVHFGNVSSKKANVILDSATSVITVPTEFFNQFVESASVFKVPFLSLYVTTCGNTKLPTLEYRSPNKVYTL
EPKQYLEPLENIFSALCMLNIVPIDLEKNTFVLGDPFMRKYFTVYDYDNHTVGFALAKNL
;
_entity_poly.pdbx_strand_id   A
#
loop_
_chem_comp.id
_chem_comp.type
_chem_comp.name
_chem_comp.formula
GOL non-polymer GLYCEROL 'C3 H8 O3'
#
# COMPACT_ATOMS: atom_id res chain seq x y z
N ASP A 4 -5.18 26.25 3.51
CA ASP A 4 -5.52 24.88 4.00
C ASP A 4 -6.52 24.19 3.05
N PRO A 5 -6.59 22.84 3.05
CA PRO A 5 -7.54 22.10 2.16
C PRO A 5 -9.03 22.28 2.51
N LYS A 6 -9.89 22.06 1.53
CA LYS A 6 -11.34 22.18 1.74
C LYS A 6 -11.84 20.97 2.50
N TYR A 7 -11.34 19.80 2.12
CA TYR A 7 -11.72 18.54 2.74
C TYR A 7 -10.70 18.09 3.76
N SER A 8 -11.12 17.16 4.62
CA SER A 8 -10.31 16.71 5.74
C SER A 8 -9.12 15.80 5.31
N THR A 9 -7.90 16.29 5.52
CA THR A 9 -6.71 15.60 5.05
C THR A 9 -5.76 15.23 6.19
N VAL A 10 -5.23 13.98 6.16
CA VAL A 10 -4.20 13.51 7.09
C VAL A 10 -2.94 13.00 6.37
N GLY A 11 -1.78 13.51 6.80
CA GLY A 11 -0.51 12.98 6.38
C GLY A 11 -0.26 11.62 6.99
N PHE A 12 0.48 10.79 6.28
CA PHE A 12 0.96 9.55 6.85
C PHE A 12 2.35 9.27 6.33
N ASN A 13 3.08 8.50 7.15
CA ASN A 13 4.45 8.13 6.86
C ASN A 13 4.50 6.76 6.28
N ILE A 14 5.53 6.54 5.47
CA ILE A 14 5.71 5.30 4.70
C ILE A 14 7.11 4.80 4.92
N GLU A 15 7.24 3.53 5.26
CA GLU A 15 8.52 2.81 5.28
C GLU A 15 8.53 2.01 3.97
N ASN A 16 9.41 2.40 3.05
CA ASN A 16 9.40 1.84 1.67
C ASN A 16 10.42 0.72 1.44
N SER A 17 10.39 0.12 0.24
CA SER A 17 11.32 -0.94 -0.13
C SER A 17 12.77 -0.46 -0.23
N TYR A 18 12.96 0.78 -0.65
CA TYR A 18 14.29 1.34 -0.72
C TYR A 18 14.94 1.44 0.65
N ASP A 19 14.17 1.83 1.67
CA ASP A 19 14.69 1.92 3.05
C ASP A 19 15.10 0.57 3.60
N ARG A 20 14.25 -0.41 3.33
CA ARG A 20 14.43 -1.75 3.81
C ARG A 20 15.62 -2.41 3.13
N LEU A 21 15.70 -2.27 1.82
CA LEU A 21 16.89 -2.67 1.08
C LEU A 21 18.12 -1.95 1.62
N MET A 22 18.03 -0.65 1.85
CA MET A 22 19.15 0.12 2.42
C MET A 22 19.59 -0.46 3.74
N LYS A 23 18.64 -0.69 4.64
CA LYS A 23 18.92 -1.31 5.93
C LYS A 23 19.62 -2.67 5.77
N THR A 24 19.15 -3.49 4.83
CA THR A 24 19.78 -4.79 4.58
C THR A 24 21.23 -4.65 4.14
N ILE A 25 21.54 -3.63 3.36
CA ILE A 25 22.89 -3.44 2.89
C ILE A 25 23.87 -3.07 4.00
N LYS A 26 23.50 -2.19 4.91
CA LYS A 26 24.41 -1.81 6.05
C LYS A 26 24.59 -2.99 6.99
N GLU A 27 23.47 -3.66 7.22
CA GLU A 27 23.36 -4.84 8.09
C GLU A 27 24.33 -5.89 7.64
N HIS A 28 24.20 -6.33 6.39
CA HIS A 28 25.07 -7.34 5.79
C HIS A 28 26.30 -6.83 5.04
N LYS A 29 26.65 -5.55 5.22
CA LYS A 29 27.79 -4.93 4.55
C LYS A 29 27.82 -5.18 3.02
N LEU A 30 26.69 -5.01 2.32
CA LEU A 30 26.56 -5.49 0.92
C LEU A 30 26.98 -4.51 -0.21
N LYS A 31 27.34 -3.28 0.10
CA LYS A 31 27.64 -2.33 -0.95
C LYS A 31 28.66 -2.77 -2.02
N ASN A 32 29.89 -3.03 -1.59
CA ASN A 32 30.95 -3.35 -2.54
C ASN A 32 30.64 -4.64 -3.24
N TYR A 33 29.91 -5.56 -2.63
CA TYR A 33 29.49 -6.74 -3.35
C TYR A 33 28.68 -6.32 -4.56
N ILE A 34 27.67 -5.49 -4.31
CA ILE A 34 26.76 -4.98 -5.38
C ILE A 34 27.56 -4.19 -6.42
N LYS A 35 28.38 -3.27 -5.92
CA LYS A 35 29.32 -2.49 -6.70
C LYS A 35 30.15 -3.31 -7.63
N GLU A 36 30.78 -4.34 -7.10
CA GLU A 36 31.67 -5.22 -7.88
C GLU A 36 30.91 -6.15 -8.81
N SER A 37 29.71 -6.57 -8.43
CA SER A 37 28.88 -7.39 -9.30
C SER A 37 28.40 -6.62 -10.51
N VAL A 38 28.04 -5.36 -10.29
CA VAL A 38 27.63 -4.46 -11.35
C VAL A 38 28.77 -4.26 -12.33
N LYS A 39 29.96 -3.92 -11.81
CA LYS A 39 31.17 -3.80 -12.65
C LYS A 39 31.36 -5.02 -13.56
N LEU A 40 31.10 -6.17 -12.99
CA LEU A 40 31.20 -7.42 -13.73
C LEU A 40 30.21 -7.53 -14.89
N PHE A 41 28.95 -7.26 -14.60
CA PHE A 41 27.89 -7.15 -15.61
C PHE A 41 28.33 -6.21 -16.74
N ASN A 42 28.83 -5.04 -16.35
CA ASN A 42 29.31 -4.04 -17.25
C ASN A 42 30.49 -4.47 -18.08
N LYS A 43 31.24 -5.45 -17.60
CA LYS A 43 32.42 -5.89 -18.28
C LYS A 43 32.43 -6.68 -19.57
N GLY A 44 31.46 -7.50 -19.94
CA GLY A 44 30.37 -7.86 -19.16
C GLY A 44 30.61 -9.35 -19.21
N LEU A 45 30.89 -9.96 -18.05
CA LEU A 45 31.23 -11.33 -17.95
C LEU A 45 30.12 -12.18 -17.41
N THR A 46 28.92 -11.64 -17.28
CA THR A 46 27.87 -12.45 -16.72
C THR A 46 27.31 -13.34 -17.81
N LYS A 47 26.47 -12.81 -18.69
CA LYS A 47 25.96 -13.63 -19.79
C LYS A 47 25.04 -14.78 -19.35
N LYS A 48 25.40 -15.45 -18.27
CA LYS A 48 24.58 -16.56 -17.77
C LYS A 48 23.23 -15.99 -17.37
N SER A 49 22.14 -16.71 -17.59
CA SER A 49 20.81 -16.15 -17.36
C SER A 49 20.32 -16.35 -15.91
N GLU A 54 15.27 -18.32 -2.18
CA GLU A 54 14.25 -18.15 -3.20
C GLU A 54 13.90 -16.67 -3.44
N PHE A 55 14.67 -16.03 -4.30
CA PHE A 55 14.36 -14.69 -4.74
C PHE A 55 13.11 -14.84 -5.55
N ASP A 56 13.17 -15.81 -6.43
CA ASP A 56 12.10 -16.02 -7.36
C ASP A 56 10.80 -16.25 -6.62
N ASN A 57 10.86 -16.89 -5.47
CA ASN A 57 9.62 -17.15 -4.81
C ASN A 57 8.91 -15.99 -4.13
N VAL A 58 8.11 -15.26 -4.89
CA VAL A 58 7.25 -14.16 -4.36
C VAL A 58 8.10 -13.14 -3.49
N GLU A 59 7.76 -12.70 -2.28
CA GLU A 59 6.57 -12.98 -1.48
C GLU A 59 5.71 -11.74 -1.48
N LEU A 60 4.38 -11.90 -1.48
CA LEU A 60 3.50 -10.76 -1.35
C LEU A 60 3.65 -10.02 0.02
N LYS A 61 4.18 -10.74 1.01
CA LYS A 61 4.63 -10.15 2.28
C LYS A 61 5.67 -9.05 2.04
N ASP A 62 6.76 -9.42 1.39
CA ASP A 62 7.99 -8.59 1.34
C ASP A 62 7.83 -7.29 0.59
N LEU A 63 6.77 -7.20 -0.19
CA LEU A 63 6.49 -6.03 -1.03
C LEU A 63 5.61 -4.98 -0.36
N ALA A 64 5.08 -5.27 0.83
CA ALA A 64 4.26 -4.28 1.52
C ALA A 64 5.12 -3.19 2.13
N ASN A 65 4.75 -1.95 1.89
CA ASN A 65 5.19 -0.85 2.71
C ASN A 65 4.24 -0.71 3.85
N VAL A 66 4.68 0.07 4.83
CA VAL A 66 3.91 0.34 6.02
C VAL A 66 3.54 1.82 6.01
N LEU A 67 2.30 2.09 5.65
CA LEU A 67 1.80 3.44 5.62
C LEU A 67 1.08 3.64 6.93
N SER A 68 1.53 4.58 7.73
CA SER A 68 1.11 4.67 9.11
C SER A 68 0.96 6.08 9.61
N PHE A 69 0.11 6.25 10.61
CA PHE A 69 -0.05 7.54 11.27
C PHE A 69 -0.62 7.44 12.69
N GLY A 70 -0.24 8.41 13.53
CA GLY A 70 -0.56 8.37 14.98
C GLY A 70 -1.44 9.49 15.50
N GLU A 71 -2.37 9.93 14.65
CA GLU A 71 -3.25 11.07 14.93
C GLU A 71 -4.72 10.63 15.26
N ALA A 72 -5.12 9.43 14.81
CA ALA A 72 -6.45 8.89 15.08
C ALA A 72 -6.61 8.49 16.54
N LYS A 73 -7.84 8.55 17.03
CA LYS A 73 -8.14 8.29 18.41
C LYS A 73 -9.55 7.83 18.64
N LEU A 74 -9.69 6.99 19.67
CA LEU A 74 -10.94 6.30 20.03
C LEU A 74 -11.49 6.91 21.29
N GLY A 75 -12.81 6.94 21.40
CA GLY A 75 -13.51 7.50 22.56
C GLY A 75 -13.40 9.00 22.79
N ASP A 76 -14.23 9.49 23.71
CA ASP A 76 -14.25 10.93 24.07
C ASP A 76 -12.99 11.41 24.82
N ASN A 77 -12.42 10.53 25.66
CA ASN A 77 -11.13 10.82 26.28
C ASN A 77 -9.97 10.92 25.28
N GLY A 78 -10.14 10.40 24.06
CA GLY A 78 -9.16 10.52 22.99
C GLY A 78 -7.94 9.68 23.29
N GLN A 79 -8.12 8.36 23.24
CA GLN A 79 -7.03 7.40 23.52
C GLN A 79 -6.19 7.30 22.24
N LYS A 80 -4.88 7.57 22.35
CA LYS A 80 -3.96 7.65 21.20
C LYS A 80 -3.57 6.28 20.65
N PHE A 81 -3.57 6.16 19.33
CA PHE A 81 -3.14 4.94 18.64
C PHE A 81 -2.38 5.24 17.34
N ASN A 82 -1.40 4.38 17.08
CA ASN A 82 -0.62 4.38 15.85
C ASN A 82 -1.19 3.31 14.95
N PHE A 83 -1.82 3.70 13.85
CA PHE A 83 -2.39 2.75 12.88
C PHE A 83 -1.50 2.62 11.67
N LEU A 84 -1.64 1.51 10.96
CA LEU A 84 -1.22 1.44 9.57
C LEU A 84 -2.47 1.29 8.74
N PHE A 85 -2.43 1.78 7.51
CA PHE A 85 -3.54 1.65 6.59
C PHE A 85 -3.45 0.39 5.78
N HIS A 86 -4.60 -0.17 5.49
CA HIS A 86 -4.71 -1.40 4.71
C HIS A 86 -5.93 -1.29 3.75
N THR A 87 -5.67 -1.41 2.45
CA THR A 87 -6.65 -0.98 1.45
C THR A 87 -7.64 -2.08 1.04
N ALA A 88 -7.54 -3.29 1.60
CA ALA A 88 -8.50 -4.36 1.35
C ALA A 88 -9.50 -4.62 2.50
N SER A 89 -9.23 -4.08 3.70
CA SER A 89 -10.01 -4.34 4.88
C SER A 89 -10.94 -3.18 5.17
N SER A 90 -12.13 -3.49 5.68
CA SER A 90 -13.19 -2.50 5.97
C SER A 90 -13.14 -2.00 7.40
N ASN A 91 -12.70 -2.89 8.33
CA ASN A 91 -12.79 -2.69 9.80
C ASN A 91 -11.58 -1.97 10.30
N VAL A 92 -11.64 -1.47 11.54
CA VAL A 92 -10.44 -0.97 12.22
C VAL A 92 -10.17 -1.86 13.42
N TRP A 93 -8.89 -1.97 13.76
CA TRP A 93 -8.36 -3.01 14.63
C TRP A 93 -7.39 -2.39 15.64
N VAL A 94 -7.53 -2.72 16.91
CA VAL A 94 -6.77 -2.05 17.97
C VAL A 94 -6.50 -3.10 19.07
N PRO A 95 -5.39 -2.97 19.83
CA PRO A 95 -5.20 -3.85 21.03
C PRO A 95 -6.16 -3.53 22.16
N SER A 96 -6.77 -4.57 22.72
CA SER A 96 -7.60 -4.42 23.94
C SER A 96 -6.67 -4.25 25.14
N ILE A 97 -7.09 -3.47 26.11
CA ILE A 97 -6.39 -3.49 27.41
C ILE A 97 -6.41 -4.92 28.04
N LYS A 98 -7.38 -5.75 27.67
CA LYS A 98 -7.43 -7.16 28.06
C LYS A 98 -6.63 -8.05 27.11
N CYS A 99 -5.43 -7.65 26.70
CA CYS A 99 -4.68 -8.44 25.71
C CYS A 99 -3.61 -9.35 26.34
N THR A 100 -3.94 -10.65 26.37
CA THR A 100 -3.06 -11.77 26.77
C THR A 100 -1.63 -11.66 26.29
N SER A 101 -1.47 -11.66 24.96
CA SER A 101 -0.19 -11.89 24.29
C SER A 101 0.89 -10.88 24.67
N GLU A 102 2.13 -11.27 24.46
CA GLU A 102 3.25 -10.42 24.88
C GLU A 102 3.62 -9.40 23.79
N SER A 103 3.31 -9.71 22.54
CA SER A 103 3.22 -8.70 21.46
C SER A 103 2.59 -7.39 21.94
N CYS A 104 1.36 -7.53 22.45
CA CYS A 104 0.56 -6.43 22.95
C CYS A 104 1.19 -5.52 24.00
N GLU A 105 2.13 -6.03 24.78
CA GLU A 105 2.51 -5.37 26.04
C GLU A 105 3.12 -3.98 25.89
N SER A 106 3.89 -3.74 24.83
CA SER A 106 4.50 -2.40 24.59
C SER A 106 3.63 -1.37 23.81
N LYS A 107 2.45 -1.80 23.39
CA LYS A 107 1.57 -1.02 22.52
C LYS A 107 0.56 -0.19 23.31
N ASN A 108 -0.12 0.70 22.61
CA ASN A 108 -1.27 1.41 23.14
C ASN A 108 -2.51 0.52 23.11
N HIS A 109 -3.35 0.68 24.13
CA HIS A 109 -4.47 -0.20 24.40
C HIS A 109 -5.79 0.57 24.44
N TYR A 110 -6.88 -0.10 24.07
CA TYR A 110 -8.22 0.44 24.22
C TYR A 110 -8.83 -0.12 25.52
N ASP A 111 -9.20 0.80 26.39
CA ASP A 111 -9.88 0.49 27.64
C ASP A 111 -11.32 0.95 27.52
N SER A 112 -12.22 0.02 27.23
CA SER A 112 -13.65 0.34 27.15
C SER A 112 -14.06 1.21 28.34
N SER A 113 -13.68 0.76 29.55
CA SER A 113 -14.05 1.40 30.84
C SER A 113 -13.79 2.91 30.93
N LYS A 114 -12.67 3.34 30.35
CA LYS A 114 -12.21 4.75 30.46
C LYS A 114 -12.97 5.72 29.55
N SER A 115 -13.85 5.23 28.69
CA SER A 115 -14.53 6.05 27.69
C SER A 115 -16.04 6.15 27.95
N LYS A 116 -16.54 7.37 28.14
CA LYS A 116 -17.99 7.58 28.35
C LYS A 116 -18.85 7.19 27.17
N THR A 117 -18.25 7.28 25.97
CA THR A 117 -18.94 7.05 24.68
C THR A 117 -19.00 5.57 24.22
N TYR A 118 -18.17 4.72 24.83
CA TYR A 118 -18.17 3.28 24.60
C TYR A 118 -19.55 2.65 24.74
N GLU A 119 -19.91 1.77 23.81
CA GLU A 119 -21.04 0.89 23.95
C GLU A 119 -20.59 -0.53 23.72
N LYS A 120 -21.07 -1.46 24.56
CA LYS A 120 -20.72 -2.86 24.38
C LYS A 120 -21.22 -3.39 23.05
N ASP A 121 -20.47 -4.33 22.51
CA ASP A 121 -20.97 -5.22 21.47
C ASP A 121 -20.60 -6.65 21.89
N ASP A 122 -19.32 -6.91 22.11
CA ASP A 122 -18.81 -8.21 22.58
C ASP A 122 -18.96 -9.36 21.58
N THR A 123 -19.37 -9.07 20.34
CA THR A 123 -19.49 -10.11 19.33
C THR A 123 -18.08 -10.56 18.98
N PRO A 124 -17.78 -11.89 19.10
CA PRO A 124 -16.45 -12.36 18.76
C PRO A 124 -16.15 -12.38 17.26
N VAL A 125 -14.90 -12.02 16.93
CA VAL A 125 -14.34 -12.17 15.59
C VAL A 125 -13.01 -12.90 15.70
N LYS A 126 -12.65 -13.56 14.61
CA LYS A 126 -11.43 -14.36 14.55
C LYS A 126 -10.87 -14.31 13.13
N LEU A 127 -9.70 -13.67 12.99
CA LEU A 127 -8.87 -13.75 11.78
C LEU A 127 -7.79 -14.82 11.98
N THR A 128 -7.81 -15.85 11.13
CA THR A 128 -6.74 -16.84 11.04
C THR A 128 -6.13 -16.72 9.64
N SER A 129 -4.83 -16.42 9.56
CA SER A 129 -4.11 -16.37 8.27
C SER A 129 -2.68 -16.95 8.37
N LYS A 130 -1.96 -16.90 7.25
CA LYS A 130 -0.64 -17.50 7.13
C LYS A 130 0.41 -16.82 8.03
N ALA A 131 0.40 -15.50 8.09
CA ALA A 131 1.35 -14.77 8.96
C ALA A 131 0.98 -14.91 10.41
N GLY A 132 -0.33 -14.86 10.71
CA GLY A 132 -0.77 -14.96 12.10
C GLY A 132 -2.28 -15.00 12.35
N THR A 133 -2.61 -14.91 13.65
CA THR A 133 -3.94 -15.21 14.21
C THR A 133 -4.37 -14.17 15.24
N ILE A 134 -5.49 -13.51 14.94
CA ILE A 134 -6.06 -12.44 15.78
C ILE A 134 -7.44 -12.85 16.29
N SER A 135 -7.62 -12.73 17.60
CA SER A 135 -8.88 -13.06 18.27
C SER A 135 -9.30 -11.81 19.01
N GLY A 136 -10.57 -11.45 18.90
CA GLY A 136 -11.06 -10.25 19.56
C GLY A 136 -12.56 -10.13 19.59
N ILE A 137 -13.03 -8.94 19.94
CA ILE A 137 -14.47 -8.67 19.99
C ILE A 137 -14.77 -7.28 19.43
N PHE A 138 -15.95 -7.12 18.87
CA PHE A 138 -16.42 -5.81 18.44
C PHE A 138 -16.71 -4.89 19.61
N SER A 139 -16.59 -3.60 19.38
CA SER A 139 -16.82 -2.59 20.39
C SER A 139 -17.12 -1.26 19.69
N LYS A 140 -18.14 -0.56 20.17
CA LYS A 140 -18.57 0.73 19.56
C LYS A 140 -18.05 1.94 20.32
N ASP A 141 -17.34 2.82 19.63
CA ASP A 141 -16.89 4.06 20.23
C ASP A 141 -16.66 5.14 19.19
N LEU A 142 -16.46 6.36 19.68
CA LEU A 142 -16.16 7.51 18.86
C LEU A 142 -14.78 7.32 18.24
N VAL A 143 -14.72 7.40 16.93
CA VAL A 143 -13.49 7.18 16.14
C VAL A 143 -13.21 8.45 15.34
N THR A 144 -12.15 9.15 15.72
CA THR A 144 -11.85 10.50 15.25
C THR A 144 -10.66 10.49 14.31
N ILE A 145 -10.70 11.32 13.25
CA ILE A 145 -9.50 11.61 12.40
C ILE A 145 -9.44 13.02 11.79
N GLY A 146 -8.75 13.98 12.40
CA GLY A 146 -9.04 14.44 13.74
C GLY A 146 -10.13 15.51 13.56
N LYS A 147 -10.20 16.06 12.32
CA LYS A 147 -11.38 16.78 11.80
C LYS A 147 -12.67 15.96 11.88
N LEU A 148 -12.61 14.75 11.31
CA LEU A 148 -13.77 13.85 11.23
C LEU A 148 -13.97 12.97 12.48
N SER A 149 -15.21 12.76 12.90
CA SER A 149 -15.57 11.93 14.07
C SER A 149 -16.90 11.25 13.85
N VAL A 150 -16.98 9.98 14.25
CA VAL A 150 -18.23 9.22 14.21
C VAL A 150 -18.16 7.97 15.08
N PRO A 151 -19.28 7.61 15.76
CA PRO A 151 -19.42 6.27 16.33
C PRO A 151 -19.22 5.19 15.25
N TYR A 152 -18.28 4.28 15.48
CA TYR A 152 -18.02 3.17 14.58
C TYR A 152 -17.86 1.94 15.42
N LYS A 153 -18.27 0.78 14.89
CA LYS A 153 -17.95 -0.51 15.51
C LYS A 153 -16.63 -1.08 15.00
N PHE A 154 -15.65 -1.15 15.89
CA PHE A 154 -14.30 -1.63 15.58
C PHE A 154 -14.02 -2.87 16.40
N ILE A 155 -12.85 -3.46 16.14
CA ILE A 155 -12.45 -4.71 16.74
C ILE A 155 -11.40 -4.41 17.79
N GLU A 156 -11.68 -4.92 18.99
CA GLU A 156 -10.82 -4.86 20.17
C GLU A 156 -10.12 -6.24 20.21
N MET A 157 -8.80 -6.26 20.03
CA MET A 157 -8.03 -7.50 19.92
C MET A 157 -7.64 -8.04 21.31
N THR A 158 -8.05 -9.26 21.61
CA THR A 158 -7.82 -9.91 22.93
C THR A 158 -6.59 -10.85 22.98
N GLU A 159 -6.20 -11.43 21.85
CA GLU A 159 -4.99 -12.23 21.74
C GLU A 159 -4.47 -12.22 20.30
N ILE A 160 -3.17 -11.96 20.16
CA ILE A 160 -2.49 -11.78 18.86
C ILE A 160 -1.26 -12.70 18.79
N VAL A 161 -1.23 -13.50 17.73
CA VAL A 161 -0.30 -14.61 17.57
C VAL A 161 0.22 -14.58 16.15
N GLY A 162 1.52 -14.28 15.99
CA GLY A 162 2.17 -14.23 14.67
C GLY A 162 2.56 -12.81 14.28
N PHE A 163 2.61 -12.54 12.98
CA PHE A 163 2.98 -11.22 12.42
C PHE A 163 4.33 -10.71 12.96
N GLU A 164 5.25 -11.66 13.17
CA GLU A 164 6.50 -11.48 13.91
C GLU A 164 7.64 -11.77 12.94
N PRO A 165 8.79 -11.09 13.06
CA PRO A 165 9.10 -10.09 14.08
C PRO A 165 8.52 -8.67 13.82
N PHE A 166 7.85 -8.48 12.69
CA PHE A 166 7.33 -7.16 12.31
C PHE A 166 6.57 -6.42 13.44
N TYR A 167 5.51 -7.03 13.96
CA TYR A 167 4.60 -6.32 14.87
C TYR A 167 5.35 -5.68 16.02
N SER A 168 6.14 -6.48 16.73
CA SER A 168 6.81 -6.00 17.94
C SER A 168 7.89 -4.99 17.65
N GLU A 169 8.52 -5.10 16.49
CA GLU A 169 9.54 -4.15 16.12
C GLU A 169 8.96 -2.80 15.61
N SER A 170 7.79 -2.84 14.98
CA SER A 170 7.10 -1.62 14.51
C SER A 170 6.46 -0.87 15.66
N ASP A 171 6.47 0.46 15.61
CA ASP A 171 5.74 1.25 16.63
C ASP A 171 4.22 1.34 16.35
N VAL A 172 3.73 0.49 15.46
CA VAL A 172 2.32 0.42 15.08
C VAL A 172 1.52 -0.33 16.14
N ASP A 173 0.30 0.11 16.39
CA ASP A 173 -0.62 -0.56 17.29
C ASP A 173 -1.63 -1.42 16.55
N GLY A 174 -2.26 -0.91 15.51
CA GLY A 174 -3.31 -1.63 14.78
C GLY A 174 -3.54 -1.20 13.32
N VAL A 175 -4.67 -1.62 12.78
CA VAL A 175 -4.93 -1.53 11.37
C VAL A 175 -6.17 -0.70 11.13
N PHE A 176 -6.06 0.31 10.24
CA PHE A 176 -7.20 1.14 9.85
C PHE A 176 -7.61 0.79 8.42
N GLY A 177 -8.84 0.31 8.27
CA GLY A 177 -9.32 -0.22 7.01
C GLY A 177 -9.77 0.86 6.03
N LEU A 178 -9.07 0.90 4.87
CA LEU A 178 -9.46 1.70 3.71
C LEU A 178 -9.90 0.83 2.56
N GLY A 179 -10.54 -0.28 2.89
CA GLY A 179 -10.92 -1.27 1.90
C GLY A 179 -12.39 -1.54 1.97
N TRP A 180 -12.78 -2.68 1.41
CA TRP A 180 -14.18 -3.09 1.42
C TRP A 180 -14.49 -4.25 2.36
N LYS A 181 -13.54 -5.16 2.57
CA LYS A 181 -13.82 -6.44 3.25
C LYS A 181 -13.99 -6.31 4.76
N ASP A 182 -15.20 -6.65 5.23
CA ASP A 182 -15.60 -6.57 6.63
C ASP A 182 -15.62 -8.01 7.17
N LEU A 183 -14.84 -8.28 8.21
CA LEU A 183 -14.84 -9.63 8.90
C LEU A 183 -16.15 -9.99 9.53
N SER A 184 -16.90 -8.98 9.96
CA SER A 184 -18.20 -9.22 10.59
C SER A 184 -19.21 -9.80 9.60
N ILE A 185 -20.30 -10.26 10.14
CA ILE A 185 -21.43 -10.67 9.35
C ILE A 185 -22.64 -9.75 9.61
N GLY A 186 -22.42 -8.71 10.42
CA GLY A 186 -23.42 -7.66 10.68
C GLY A 186 -23.22 -6.43 9.82
N SER A 187 -22.71 -6.66 8.59
CA SER A 187 -22.56 -5.69 7.51
C SER A 187 -22.20 -4.30 7.99
N ILE A 188 -21.07 -4.22 8.71
CA ILE A 188 -20.55 -2.94 9.14
C ILE A 188 -19.91 -2.34 7.90
N ASP A 189 -20.37 -1.15 7.57
CA ASP A 189 -19.84 -0.40 6.45
C ASP A 189 -18.40 0.01 6.76
N PRO A 190 -17.60 0.36 5.73
CA PRO A 190 -16.30 0.98 5.98
C PRO A 190 -16.44 2.24 6.79
N TYR A 191 -15.37 2.64 7.45
CA TYR A 191 -15.37 3.87 8.22
C TYR A 191 -15.85 5.04 7.37
N ILE A 192 -15.41 5.08 6.11
CA ILE A 192 -15.69 6.20 5.22
C ILE A 192 -17.14 6.23 4.71
N VAL A 193 -17.71 5.06 4.48
CA VAL A 193 -19.16 4.95 4.21
C VAL A 193 -19.96 5.42 5.46
N GLU A 194 -19.49 5.03 6.65
CA GLU A 194 -20.17 5.33 7.89
C GLU A 194 -20.22 6.84 8.17
N LEU A 195 -19.11 7.53 7.95
CA LEU A 195 -19.06 9.00 8.01
C LEU A 195 -20.13 9.67 7.10
N LYS A 196 -20.36 9.05 5.95
CA LYS A 196 -21.36 9.51 5.00
C LYS A 196 -22.75 9.15 5.51
N THR A 197 -22.99 7.90 5.91
CA THR A 197 -24.32 7.53 6.44
C THR A 197 -24.76 8.53 7.52
N GLN A 198 -23.84 8.87 8.42
CA GLN A 198 -24.08 9.84 9.50
C GLN A 198 -23.87 11.33 9.12
N ASN A 199 -23.71 11.64 7.83
CA ASN A 199 -23.60 13.01 7.29
C ASN A 199 -22.39 13.89 7.67
N LYS A 200 -21.25 13.29 8.05
CA LYS A 200 -20.09 14.08 8.50
C LYS A 200 -19.25 14.56 7.31
N ILE A 201 -19.46 13.93 6.16
CA ILE A 201 -18.86 14.30 4.87
C ILE A 201 -19.97 14.40 3.80
N GLU A 202 -19.63 14.84 2.59
CA GLU A 202 -20.64 14.97 1.52
C GLU A 202 -20.75 13.73 0.60
N GLN A 203 -19.68 12.94 0.51
CA GLN A 203 -19.51 11.87 -0.48
C GLN A 203 -18.69 10.72 0.15
N ALA A 204 -19.01 9.47 -0.18
CA ALA A 204 -18.29 8.27 0.38
C ALA A 204 -17.01 7.94 -0.41
N VAL A 205 -16.06 8.87 -0.33
CA VAL A 205 -14.89 8.86 -1.23
C VAL A 205 -13.64 9.28 -0.47
N TYR A 206 -12.49 8.72 -0.91
CA TYR A 206 -11.21 9.24 -0.50
C TYR A 206 -10.20 9.27 -1.64
N SER A 207 -9.16 10.09 -1.46
CA SER A 207 -8.09 10.23 -2.40
C SER A 207 -6.75 9.87 -1.72
N ILE A 208 -5.83 9.25 -2.45
CA ILE A 208 -4.45 9.10 -2.01
C ILE A 208 -3.57 10.00 -2.87
N TYR A 209 -2.78 10.85 -2.22
CA TYR A 209 -1.78 11.65 -2.89
C TYR A 209 -0.39 11.36 -2.35
N LEU A 210 0.49 10.92 -3.25
CA LEU A 210 1.84 10.53 -2.90
C LEU A 210 2.82 11.51 -3.56
N PRO A 211 3.38 12.45 -2.77
CA PRO A 211 4.16 13.48 -3.41
C PRO A 211 5.44 12.90 -4.07
N PRO A 212 5.69 13.21 -5.35
CA PRO A 212 6.88 12.74 -6.07
C PRO A 212 8.21 12.88 -5.33
N GLU A 213 8.39 14.01 -4.66
CA GLU A 213 9.66 14.36 -4.05
C GLU A 213 9.85 13.83 -2.65
N ASN A 214 8.91 13.05 -2.14
CA ASN A 214 9.02 12.51 -0.77
C ASN A 214 8.37 11.15 -0.62
N LYS A 215 9.19 10.11 -0.79
CA LYS A 215 8.69 8.75 -0.86
C LYS A 215 8.46 8.15 0.52
N ASN A 216 8.71 8.94 1.58
CA ASN A 216 8.34 8.64 2.97
C ASN A 216 7.05 9.31 3.46
N LYS A 217 6.26 9.86 2.56
CA LYS A 217 5.08 10.59 2.91
C LYS A 217 3.96 10.29 1.93
N GLY A 218 2.73 10.37 2.39
CA GLY A 218 1.55 10.32 1.55
C GLY A 218 0.42 11.02 2.30
N TYR A 219 -0.58 11.50 1.54
CA TYR A 219 -1.70 12.19 2.11
C TYR A 219 -3.02 11.56 1.75
N LEU A 220 -3.84 11.35 2.80
CA LEU A 220 -5.17 10.80 2.68
C LEU A 220 -6.14 11.94 2.86
N THR A 221 -7.08 12.07 1.93
CA THR A 221 -8.11 13.11 1.98
C THR A 221 -9.48 12.47 1.81
N ILE A 222 -10.41 12.91 2.65
CA ILE A 222 -11.71 12.25 2.82
C ILE A 222 -12.94 13.18 2.57
N GLY A 223 -13.96 12.63 1.90
CA GLY A 223 -15.21 13.34 1.57
C GLY A 223 -15.21 14.25 0.34
N GLY A 224 -14.17 14.21 -0.47
CA GLY A 224 -14.08 15.09 -1.64
C GLY A 224 -12.83 14.96 -2.51
N ILE A 225 -12.92 15.59 -3.67
CA ILE A 225 -11.84 15.70 -4.63
C ILE A 225 -11.16 17.01 -4.28
N GLU A 226 -9.92 16.94 -3.82
CA GLU A 226 -9.12 18.14 -3.60
C GLU A 226 -8.47 18.46 -4.93
N GLU A 227 -9.05 19.43 -5.63
CA GLU A 227 -8.66 19.79 -7.00
C GLU A 227 -7.18 20.14 -7.08
N ARG A 228 -6.68 20.73 -6.01
CA ARG A 228 -5.32 21.23 -5.94
C ARG A 228 -4.23 20.18 -5.94
N PHE A 229 -4.56 18.89 -5.80
CA PHE A 229 -3.53 17.83 -5.86
C PHE A 229 -3.13 17.36 -7.25
N PHE A 230 -3.85 17.78 -8.30
CA PHE A 230 -3.59 17.27 -9.66
C PHE A 230 -3.78 18.28 -10.76
N ASP A 231 -3.32 17.90 -11.95
CA ASP A 231 -3.49 18.62 -13.18
C ASP A 231 -4.34 17.78 -14.12
N GLY A 232 -5.18 18.47 -14.88
CA GLY A 232 -5.92 17.86 -15.98
C GLY A 232 -7.18 17.18 -15.47
N PRO A 233 -7.84 16.43 -16.35
CA PRO A 233 -9.05 15.72 -15.97
C PRO A 233 -8.82 14.49 -15.07
N LEU A 234 -9.78 14.25 -14.18
CA LEU A 234 -9.95 12.96 -13.53
C LEU A 234 -10.65 11.96 -14.44
N ASN A 235 -9.97 10.88 -14.78
CA ASN A 235 -10.63 9.72 -15.39
C ASN A 235 -11.14 8.80 -14.36
N TYR A 236 -12.22 8.08 -14.69
CA TYR A 236 -12.82 7.09 -13.81
C TYR A 236 -12.88 5.73 -14.47
N GLU A 237 -12.61 4.67 -13.70
CA GLU A 237 -12.83 3.30 -14.17
C GLU A 237 -13.74 2.57 -13.17
N LYS A 238 -14.61 1.72 -13.70
CA LYS A 238 -15.50 0.88 -12.95
C LYS A 238 -14.69 -0.25 -12.35
N LEU A 239 -15.09 -0.67 -11.16
CA LEU A 239 -14.48 -1.81 -10.52
C LEU A 239 -15.00 -3.09 -11.18
N ASN A 240 -14.12 -4.08 -11.39
CA ASN A 240 -14.59 -5.39 -11.83
C ASN A 240 -14.96 -6.40 -10.69
N HIS A 241 -14.78 -5.99 -9.44
CA HIS A 241 -15.03 -6.79 -8.23
C HIS A 241 -15.87 -5.88 -7.30
N ASP A 242 -16.76 -6.50 -6.53
CA ASP A 242 -17.59 -5.81 -5.53
C ASP A 242 -16.81 -5.25 -4.33
N LEU A 243 -15.82 -6.00 -3.85
CA LEU A 243 -15.11 -5.76 -2.58
C LEU A 243 -13.59 -5.57 -2.72
N MET A 244 -13.15 -5.19 -3.92
CA MET A 244 -11.72 -4.90 -4.20
C MET A 244 -11.59 -3.63 -5.05
N TRP A 245 -10.64 -2.79 -4.70
CA TRP A 245 -10.21 -1.67 -5.56
C TRP A 245 -9.44 -2.24 -6.78
N GLN A 246 -10.19 -2.72 -7.75
CA GLN A 246 -9.71 -3.56 -8.83
C GLN A 246 -10.46 -3.28 -10.15
N VAL A 247 -9.78 -3.46 -11.27
CA VAL A 247 -10.18 -2.79 -12.52
C VAL A 247 -9.74 -3.60 -13.75
N ASP A 248 -10.57 -3.60 -14.81
CA ASP A 248 -10.21 -4.31 -16.07
C ASP A 248 -9.33 -3.47 -16.98
N LEU A 249 -8.14 -3.94 -17.33
CA LEU A 249 -7.22 -3.17 -18.21
C LEU A 249 -6.25 -4.04 -19.00
N ASP A 250 -6.06 -3.76 -20.29
CA ASP A 250 -5.00 -4.43 -21.07
C ASP A 250 -3.70 -3.80 -20.68
N VAL A 251 -2.63 -4.59 -20.62
CA VAL A 251 -1.31 -4.06 -20.21
C VAL A 251 -0.22 -4.51 -21.18
N HIS A 252 0.58 -3.54 -21.61
CA HIS A 252 1.67 -3.73 -22.56
C HIS A 252 2.91 -3.13 -21.94
N PHE A 253 4.02 -3.89 -21.94
CA PHE A 253 5.36 -3.36 -21.60
C PHE A 253 6.20 -3.64 -22.82
N GLY A 254 6.22 -2.74 -23.78
CA GLY A 254 6.83 -3.02 -25.07
C GLY A 254 5.96 -4.03 -25.84
N ASN A 255 6.65 -4.99 -26.45
CA ASN A 255 6.00 -6.04 -27.23
C ASN A 255 5.28 -7.07 -26.35
N VAL A 256 5.68 -7.13 -25.08
CA VAL A 256 5.03 -7.99 -24.07
C VAL A 256 3.71 -7.39 -23.68
N SER A 257 2.65 -8.19 -23.73
CA SER A 257 1.33 -7.69 -23.39
C SER A 257 0.41 -8.78 -22.86
N SER A 258 -0.64 -8.34 -22.18
CA SER A 258 -1.61 -9.22 -21.56
C SER A 258 -3.00 -8.54 -21.58
N LYS A 259 -3.90 -9.12 -22.36
CA LYS A 259 -5.22 -8.53 -22.54
C LYS A 259 -6.10 -8.87 -21.34
N LYS A 260 -7.10 -8.04 -21.06
CA LYS A 260 -8.15 -8.32 -20.07
C LYS A 260 -7.59 -8.70 -18.70
N ALA A 261 -6.60 -7.93 -18.27
CA ALA A 261 -5.88 -8.18 -17.04
C ALA A 261 -6.64 -7.63 -15.89
N ASN A 262 -6.33 -8.17 -14.72
CA ASN A 262 -6.90 -7.73 -13.45
C ASN A 262 -5.85 -6.94 -12.73
N VAL A 263 -6.13 -5.66 -12.49
CA VAL A 263 -5.14 -4.80 -11.86
C VAL A 263 -5.75 -4.17 -10.62
N ILE A 264 -5.03 -4.34 -9.50
CA ILE A 264 -5.46 -3.85 -8.20
C ILE A 264 -4.66 -2.60 -7.85
N LEU A 265 -5.37 -1.65 -7.26
CA LEU A 265 -4.75 -0.46 -6.76
C LEU A 265 -4.49 -0.66 -5.30
N ASP A 266 -3.21 -0.75 -4.96
CA ASP A 266 -2.79 -0.79 -3.57
C ASP A 266 -1.55 0.04 -3.45
N SER A 267 -1.70 1.24 -2.92
CA SER A 267 -0.57 2.12 -2.66
C SER A 267 0.35 1.62 -1.57
N ALA A 268 -0.11 0.63 -0.78
CA ALA A 268 0.71 -0.01 0.24
C ALA A 268 1.71 -1.00 -0.35
N THR A 269 1.44 -1.53 -1.52
CA THR A 269 2.44 -2.34 -2.27
C THR A 269 3.59 -1.44 -2.74
N SER A 270 4.82 -1.87 -2.52
CA SER A 270 5.98 -1.01 -2.70
C SER A 270 6.46 -0.85 -4.13
N VAL A 271 5.89 -1.66 -5.03
CA VAL A 271 6.39 -1.84 -6.38
C VAL A 271 5.26 -2.15 -7.34
N ILE A 272 5.58 -2.16 -8.60
CA ILE A 272 4.69 -2.61 -9.67
C ILE A 272 4.86 -4.11 -9.74
N THR A 273 3.77 -4.86 -9.79
CA THR A 273 3.88 -6.28 -10.00
C THR A 273 3.31 -6.68 -11.33
N VAL A 274 3.61 -7.93 -11.66
CA VAL A 274 3.67 -8.41 -13.01
C VAL A 274 3.78 -9.94 -12.84
N PRO A 275 3.05 -10.74 -13.63
CA PRO A 275 3.32 -12.19 -13.63
C PRO A 275 4.77 -12.55 -14.00
N THR A 276 5.21 -13.69 -13.48
CA THR A 276 6.56 -14.18 -13.73
C THR A 276 6.89 -14.27 -15.21
N GLU A 277 6.03 -14.95 -15.97
CA GLU A 277 6.22 -15.13 -17.43
C GLU A 277 6.45 -13.79 -18.09
N PHE A 278 5.49 -12.91 -17.83
CA PHE A 278 5.49 -11.52 -18.30
C PHE A 278 6.79 -10.79 -17.99
N PHE A 279 7.26 -10.91 -16.75
CA PHE A 279 8.49 -10.25 -16.28
C PHE A 279 9.70 -10.73 -17.03
N ASN A 280 9.77 -12.03 -17.22
CA ASN A 280 10.92 -12.65 -17.86
C ASN A 280 11.00 -12.27 -19.34
N GLN A 281 9.85 -12.17 -20.00
CA GLN A 281 9.81 -11.74 -21.37
C GLN A 281 10.28 -10.29 -21.47
N PHE A 282 9.71 -9.45 -20.61
CA PHE A 282 10.12 -8.05 -20.45
C PHE A 282 11.64 -7.94 -20.29
N VAL A 283 12.15 -8.64 -19.30
CA VAL A 283 13.53 -8.43 -18.86
C VAL A 283 14.56 -9.03 -19.83
N GLU A 284 14.15 -10.00 -20.66
CA GLU A 284 15.06 -10.63 -21.63
C GLU A 284 15.64 -9.58 -22.55
N SER A 285 16.98 -9.54 -22.61
CA SER A 285 17.76 -8.57 -23.41
C SER A 285 17.33 -7.07 -23.27
N ALA A 286 16.69 -6.72 -22.13
CA ALA A 286 16.41 -5.33 -21.79
C ALA A 286 17.66 -4.65 -21.15
N SER A 287 18.74 -5.42 -20.93
CA SER A 287 19.99 -4.96 -20.28
C SER A 287 19.78 -4.57 -18.81
N VAL A 288 19.08 -5.46 -18.12
CA VAL A 288 18.82 -5.33 -16.72
C VAL A 288 19.58 -6.48 -16.08
N PHE A 289 20.22 -6.22 -14.94
CA PHE A 289 21.06 -7.19 -14.27
C PHE A 289 20.41 -7.62 -12.98
N LYS A 290 20.38 -8.94 -12.77
CA LYS A 290 19.91 -9.53 -11.53
C LYS A 290 21.12 -9.85 -10.66
N VAL A 291 21.18 -9.23 -9.49
CA VAL A 291 22.34 -9.40 -8.60
C VAL A 291 22.22 -10.80 -7.95
N PRO A 292 23.23 -11.67 -8.11
CA PRO A 292 23.16 -13.00 -7.49
C PRO A 292 22.97 -12.93 -5.98
N PHE A 293 22.16 -13.87 -5.48
CA PHE A 293 21.86 -13.96 -4.05
C PHE A 293 21.17 -12.71 -3.51
N LEU A 294 20.35 -12.05 -4.31
CA LEU A 294 19.55 -10.88 -3.86
C LEU A 294 18.30 -10.72 -4.70
N SER A 295 17.17 -10.43 -4.05
CA SER A 295 15.92 -10.07 -4.74
C SER A 295 16.10 -8.66 -5.32
N LEU A 296 16.91 -8.52 -6.35
CA LEU A 296 17.38 -7.20 -6.73
C LEU A 296 17.82 -7.13 -8.18
N TYR A 297 16.99 -6.51 -9.02
CA TYR A 297 17.32 -6.20 -10.38
C TYR A 297 17.74 -4.75 -10.51
N VAL A 298 18.69 -4.50 -11.40
CA VAL A 298 19.46 -3.25 -11.43
C VAL A 298 19.81 -2.86 -12.89
N THR A 299 19.95 -1.56 -13.11
CA THR A 299 20.25 -1.06 -14.43
C THR A 299 20.71 0.36 -14.40
N THR A 300 21.36 0.76 -15.48
CA THR A 300 21.81 2.13 -15.66
C THR A 300 20.62 3.08 -15.78
N CYS A 301 20.63 4.22 -15.05
CA CYS A 301 19.47 5.11 -15.00
C CYS A 301 19.12 5.67 -16.42
N GLY A 302 20.13 5.96 -17.23
CA GLY A 302 19.91 6.36 -18.59
C GLY A 302 19.64 5.27 -19.64
N ASN A 303 19.20 4.09 -19.20
CA ASN A 303 18.92 2.95 -20.10
C ASN A 303 17.87 3.29 -21.17
N THR A 304 18.29 3.26 -22.42
CA THR A 304 17.48 3.63 -23.57
C THR A 304 16.67 2.47 -24.18
N LYS A 305 16.86 1.26 -23.67
CA LYS A 305 16.08 0.09 -24.14
C LYS A 305 14.77 -0.09 -23.42
N LEU A 306 14.59 0.60 -22.30
CA LEU A 306 13.45 0.37 -21.39
C LEU A 306 12.22 1.09 -21.87
N PRO A 307 11.07 0.39 -21.99
CA PRO A 307 9.84 0.98 -22.45
C PRO A 307 8.97 1.67 -21.41
N THR A 308 8.18 2.64 -21.89
CA THR A 308 6.97 3.02 -21.21
C THR A 308 6.04 1.80 -20.87
N LEU A 309 5.58 1.76 -19.63
CA LEU A 309 4.56 0.78 -19.22
C LEU A 309 3.21 1.34 -19.57
N GLU A 310 2.34 0.50 -20.15
CA GLU A 310 1.01 0.94 -20.58
C GLU A 310 -0.11 0.10 -19.98
N TYR A 311 -1.03 0.77 -19.29
CA TYR A 311 -2.24 0.15 -18.76
C TYR A 311 -3.42 0.82 -19.49
N ARG A 312 -4.00 0.10 -20.45
CA ARG A 312 -5.04 0.64 -21.35
C ARG A 312 -6.45 0.28 -20.92
N SER A 313 -7.27 1.29 -20.73
CA SER A 313 -8.72 1.13 -20.58
C SER A 313 -9.33 1.33 -21.95
N PRO A 314 -10.64 1.11 -22.09
CA PRO A 314 -11.23 1.37 -23.38
C PRO A 314 -11.27 2.87 -23.75
N ASN A 315 -11.24 3.80 -22.80
CA ASN A 315 -11.21 5.23 -23.11
C ASN A 315 -10.10 6.06 -22.44
N LYS A 316 -9.07 5.37 -21.96
CA LYS A 316 -7.90 6.00 -21.37
C LYS A 316 -6.77 4.99 -21.19
N VAL A 317 -5.52 5.42 -21.41
CA VAL A 317 -4.35 4.65 -21.10
C VAL A 317 -3.53 5.41 -20.07
N TYR A 318 -2.98 4.68 -19.10
CA TYR A 318 -2.17 5.21 -18.02
C TYR A 318 -0.79 4.61 -18.18
N THR A 319 0.23 5.46 -18.09
CA THR A 319 1.58 5.03 -18.42
C THR A 319 2.60 5.39 -17.40
N LEU A 320 3.68 4.60 -17.40
CA LEU A 320 4.83 4.81 -16.56
C LEU A 320 6.10 4.83 -17.41
N GLU A 321 6.73 5.98 -17.50
CA GLU A 321 8.08 6.11 -18.06
C GLU A 321 9.08 5.38 -17.16
N PRO A 322 10.25 4.94 -17.72
CA PRO A 322 11.35 4.47 -16.87
C PRO A 322 11.69 5.34 -15.67
N LYS A 323 11.64 6.67 -15.77
CA LYS A 323 11.90 7.52 -14.60
C LYS A 323 10.90 7.25 -13.47
N GLN A 324 9.67 6.87 -13.80
CA GLN A 324 8.64 6.56 -12.76
C GLN A 324 8.80 5.21 -12.10
N TYR A 325 9.50 4.27 -12.73
CA TYR A 325 9.68 2.93 -12.16
C TYR A 325 11.13 2.50 -11.88
N LEU A 326 12.04 3.46 -11.74
CA LEU A 326 13.46 3.21 -11.45
C LEU A 326 13.90 4.07 -10.26
N GLU A 327 14.34 3.46 -9.16
CA GLU A 327 14.89 4.23 -8.04
C GLU A 327 16.40 4.36 -8.22
N PRO A 328 16.93 5.60 -8.10
CA PRO A 328 18.39 5.82 -8.03
C PRO A 328 19.07 5.11 -6.90
N LEU A 329 20.31 4.76 -7.13
CA LEU A 329 21.21 4.12 -6.15
C LEU A 329 22.56 4.84 -6.14
N GLU A 330 22.53 6.16 -6.12
CA GLU A 330 23.76 6.96 -6.28
C GLU A 330 24.84 6.64 -5.25
N ASN A 331 24.38 6.34 -4.02
CA ASN A 331 25.26 5.98 -2.90
C ASN A 331 25.94 4.59 -2.95
N ILE A 332 25.62 3.79 -3.96
CA ILE A 332 26.24 2.49 -4.22
C ILE A 332 27.14 2.46 -5.47
N PHE A 333 26.62 3.01 -6.57
CA PHE A 333 27.32 3.03 -7.84
C PHE A 333 26.71 4.17 -8.63
N SER A 334 27.53 4.92 -9.36
CA SER A 334 27.01 6.10 -10.05
C SER A 334 26.09 5.73 -11.23
N ALA A 335 25.09 6.61 -11.45
CA ALA A 335 23.99 6.39 -12.38
C ALA A 335 23.36 5.00 -12.36
N LEU A 336 23.41 4.34 -11.20
CA LEU A 336 22.88 3.00 -11.07
C LEU A 336 21.48 3.18 -10.54
N CYS A 337 20.58 2.31 -10.97
CA CYS A 337 19.17 2.36 -10.61
C CYS A 337 18.70 0.95 -10.32
N MET A 338 17.78 0.83 -9.37
CA MET A 338 17.05 -0.41 -9.19
C MET A 338 15.69 -0.33 -9.87
N LEU A 339 15.22 -1.48 -10.29
CA LEU A 339 13.99 -1.64 -11.00
C LEU A 339 12.84 -1.85 -10.03
N ASN A 340 11.93 -0.91 -9.89
CA ASN A 340 10.76 -1.07 -8.96
C ASN A 340 9.59 -1.87 -9.49
N ILE A 341 9.92 -2.92 -10.23
CA ILE A 341 8.97 -3.86 -10.80
C ILE A 341 9.40 -5.23 -10.37
N VAL A 342 8.46 -6.07 -10.00
CA VAL A 342 8.76 -7.35 -9.41
C VAL A 342 7.81 -8.40 -10.02
N PRO A 343 8.32 -9.59 -10.29
CA PRO A 343 7.49 -10.63 -10.87
C PRO A 343 6.88 -11.43 -9.77
N ILE A 344 5.58 -11.56 -9.79
CA ILE A 344 4.90 -12.33 -8.80
C ILE A 344 3.56 -12.78 -9.36
N ASP A 345 3.29 -14.06 -9.33
CA ASP A 345 2.05 -14.57 -9.88
C ASP A 345 1.02 -14.72 -8.81
N LEU A 346 -0.14 -14.11 -9.05
CA LEU A 346 -1.26 -14.19 -8.13
C LEU A 346 -2.26 -14.98 -8.92
N GLU A 347 -3.53 -14.66 -8.80
CA GLU A 347 -4.54 -15.41 -9.55
C GLU A 347 -4.21 -15.14 -10.96
N LYS A 348 -4.69 -15.98 -11.86
CA LYS A 348 -4.31 -15.88 -13.24
C LYS A 348 -4.55 -14.48 -13.71
N ASN A 349 -3.54 -13.94 -14.38
CA ASN A 349 -3.62 -12.62 -14.94
C ASN A 349 -3.96 -11.51 -13.97
N THR A 350 -3.28 -11.44 -12.84
CA THR A 350 -3.54 -10.32 -11.91
C THR A 350 -2.25 -9.48 -11.63
N PHE A 351 -2.36 -8.15 -11.84
CA PHE A 351 -1.27 -7.17 -11.70
C PHE A 351 -1.62 -6.26 -10.56
N VAL A 352 -0.65 -5.65 -9.90
CA VAL A 352 -0.95 -4.66 -8.88
C VAL A 352 -0.13 -3.41 -9.09
N LEU A 353 -0.77 -2.26 -8.81
CA LEU A 353 -0.17 -0.94 -9.00
C LEU A 353 0.17 -0.35 -7.64
N GLY A 354 1.44 -0.47 -7.30
CA GLY A 354 1.92 -0.01 -6.04
C GLY A 354 2.38 1.41 -6.08
N ASP A 355 3.26 1.72 -5.11
CA ASP A 355 3.74 3.08 -4.87
C ASP A 355 4.25 3.85 -6.11
N PRO A 356 5.05 3.20 -6.98
CA PRO A 356 5.52 3.85 -8.20
C PRO A 356 4.42 4.54 -9.06
N PHE A 357 3.32 3.83 -9.29
CA PHE A 357 2.20 4.34 -10.06
C PHE A 357 1.58 5.55 -9.39
N MET A 358 1.33 5.48 -8.07
CA MET A 358 0.71 6.59 -7.33
C MET A 358 1.59 7.84 -7.17
N ARG A 359 2.89 7.69 -7.35
CA ARG A 359 3.80 8.85 -7.45
C ARG A 359 3.54 9.71 -8.72
N LYS A 360 3.02 9.06 -9.75
CA LYS A 360 2.56 9.73 -10.96
C LYS A 360 1.07 10.09 -10.93
N TYR A 361 0.25 9.13 -10.55
CA TYR A 361 -1.20 9.36 -10.54
C TYR A 361 -1.77 9.63 -9.14
N PHE A 362 -2.52 10.72 -9.05
CA PHE A 362 -3.38 11.00 -7.93
C PHE A 362 -4.52 10.03 -8.10
N THR A 363 -4.97 9.45 -7.01
CA THR A 363 -5.89 8.30 -7.07
C THR A 363 -7.06 8.48 -6.13
N VAL A 364 -8.23 8.07 -6.61
CA VAL A 364 -9.50 8.33 -5.95
C VAL A 364 -10.26 7.01 -5.87
N TYR A 365 -10.90 6.80 -4.71
CA TYR A 365 -11.50 5.55 -4.37
C TYR A 365 -12.93 5.85 -3.90
N ASP A 366 -13.90 5.51 -4.75
CA ASP A 366 -15.28 5.95 -4.63
C ASP A 366 -16.18 4.78 -4.25
N TYR A 367 -16.59 4.74 -2.97
CA TYR A 367 -17.46 3.70 -2.43
C TYR A 367 -18.90 3.85 -2.95
N ASP A 368 -19.44 5.08 -2.99
CA ASP A 368 -20.80 5.32 -3.53
C ASP A 368 -20.94 4.71 -4.94
N ASN A 369 -20.15 5.23 -5.88
CA ASN A 369 -20.25 4.89 -7.29
C ASN A 369 -19.49 3.67 -7.77
N HIS A 370 -18.76 2.98 -6.89
CA HIS A 370 -17.99 1.77 -7.25
C HIS A 370 -17.01 2.06 -8.39
N THR A 371 -16.37 3.21 -8.28
CA THR A 371 -15.41 3.64 -9.26
C THR A 371 -14.11 3.89 -8.55
N VAL A 372 -13.07 3.98 -9.37
CA VAL A 372 -11.73 4.36 -8.98
C VAL A 372 -11.28 5.45 -9.99
N GLY A 373 -10.41 6.35 -9.55
CA GLY A 373 -10.17 7.60 -10.28
C GLY A 373 -8.71 7.98 -10.38
N PHE A 374 -8.29 8.35 -11.59
CA PHE A 374 -6.87 8.63 -11.86
C PHE A 374 -6.71 10.02 -12.41
N ALA A 375 -5.60 10.66 -12.09
CA ALA A 375 -5.27 11.99 -12.55
C ALA A 375 -3.81 12.28 -12.34
N LEU A 376 -3.27 13.24 -13.07
CA LEU A 376 -1.84 13.48 -13.10
C LEU A 376 -1.45 14.27 -11.87
N ALA A 377 -0.73 13.63 -10.94
CA ALA A 377 -0.38 14.25 -9.67
C ALA A 377 0.43 15.50 -9.91
N LYS A 378 0.12 16.56 -9.15
CA LYS A 378 0.93 17.75 -9.06
C LYS A 378 2.21 17.43 -8.27
N ASN A 379 3.16 18.36 -8.31
CA ASN A 379 4.45 18.22 -7.68
C ASN A 379 4.63 19.26 -6.56
N LEU A 380 4.40 18.84 -5.31
CA LEU A 380 4.39 19.72 -4.13
C LEU A 380 5.40 19.27 -3.08
C1 GOL B . -20.80 -7.53 14.33
O1 GOL B . -21.07 -8.89 13.97
C2 GOL B . -22.09 -6.78 14.57
O2 GOL B . -22.30 -6.59 15.97
C3 GOL B . -22.13 -5.44 13.84
O3 GOL B . -23.41 -4.83 14.07
C1 GOL C . -19.15 -5.26 -9.00
O1 GOL C . -19.30 -3.84 -8.85
C2 GOL C . -19.13 -5.65 -10.47
O2 GOL C . -18.52 -6.95 -10.58
C3 GOL C . -20.57 -5.68 -10.99
O3 GOL C . -20.59 -5.81 -12.42
#